data_4QO2
#
_entry.id   4QO2
#
_cell.length_a   97.990
_cell.length_b   97.990
_cell.length_c   66.400
_cell.angle_alpha   90.00
_cell.angle_beta   90.00
_cell.angle_gamma   120.00
#
_symmetry.space_group_name_H-M   'P 63'
#
loop_
_entity.id
_entity.type
_entity.pdbx_description
1 polymer 'Rhomboid protease GlpG'
2 polymer 6-AMINO-2-METHYL-1,7-DIHYDRO-8H-IMIDAZO[4,5-G]QUINAZOLIN-8-ONE
3 non-polymer 'nonyl beta-D-glucopyranoside'
4 non-polymer 'CHLORIDE ION'
5 water water
#
loop_
_entity_poly.entity_id
_entity_poly.type
_entity_poly.pdbx_seq_one_letter_code
_entity_poly.pdbx_strand_id
1 'polypeptide(L)'
;AALRERAGPVTWVMMIACVVVFIAMQILGDQEVMLWLAWPFDPTLKFEFWRYFTHALMHFSLMHILFNLLWWWYLGGAVE
KRLGSGKLIVITLISALLSGYVQQKFSGPWFGGLSGVVYALMGYVWLRGERDPQSGIYLQRGLIIFALIWIVAGWFDLFG
MSMANGAHIAGLAVGLAMAFVDSLNARKRKASLERENLYF
;
A
2 'polypeptide(L)' (ACE)IATA(0QE) B
#
loop_
_chem_comp.id
_chem_comp.type
_chem_comp.name
_chem_comp.formula
0QE non-polymer chloromethane 'C H3 Cl'
ACE non-polymer 'ACETYL GROUP' 'C2 H4 O'
BNG D-saccharide 'nonyl beta-D-glucopyranoside' 'C15 H30 O6'
CL non-polymer 'CHLORIDE ION' 'Cl -1'
#
# COMPACT_ATOMS: atom_id res chain seq x y z
N ARG A 4 -22.12 5.57 11.18
CA ARG A 4 -21.67 4.49 12.04
C ARG A 4 -20.35 3.89 11.55
N GLU A 5 -20.44 2.85 10.74
CA GLU A 5 -19.25 2.19 10.20
C GLU A 5 -18.47 3.15 9.29
N ARG A 6 -17.16 3.22 9.53
CA ARG A 6 -16.29 4.11 8.72
C ARG A 6 -15.74 3.39 7.46
N ALA A 7 -15.55 2.10 7.57
CA ALA A 7 -14.84 1.35 6.55
C ALA A 7 -15.85 0.70 5.59
N GLY A 8 -15.81 1.13 4.34
CA GLY A 8 -16.66 0.54 3.30
C GLY A 8 -16.20 -0.83 2.85
N PRO A 9 -16.86 -1.38 1.79
CA PRO A 9 -16.64 -2.78 1.45
C PRO A 9 -15.21 -3.08 1.02
N VAL A 10 -14.65 -2.20 0.21
CA VAL A 10 -13.30 -2.44 -0.29
C VAL A 10 -12.29 -2.28 0.83
N THR A 11 -12.46 -1.22 1.62
CA THR A 11 -11.61 -1.02 2.82
C THR A 11 -11.62 -2.28 3.70
N TRP A 12 -12.80 -2.80 3.91
CA TRP A 12 -13.03 -3.96 4.77
C TRP A 12 -12.42 -5.24 4.19
N VAL A 13 -12.67 -5.48 2.91
CA VAL A 13 -12.25 -6.72 2.32
C VAL A 13 -10.72 -6.82 2.26
N MET A 14 -10.05 -5.70 2.00
CA MET A 14 -8.57 -5.68 2.03
C MET A 14 -8.03 -6.03 3.42
N MET A 15 -8.65 -5.48 4.45
CA MET A 15 -8.21 -5.74 5.81
C MET A 15 -8.38 -7.21 6.16
N ILE A 16 -9.54 -7.77 5.81
CA ILE A 16 -9.78 -9.20 5.95
C ILE A 16 -8.71 -10.03 5.21
N ALA A 17 -8.44 -9.67 3.95
CA ALA A 17 -7.43 -10.36 3.15
C ALA A 17 -6.05 -10.34 3.85
N CYS A 18 -5.65 -9.18 4.35
CA CYS A 18 -4.37 -9.08 5.03
C CYS A 18 -4.31 -9.92 6.31
N VAL A 19 -5.41 -9.98 7.04
CA VAL A 19 -5.46 -10.79 8.26
C VAL A 19 -5.39 -12.28 7.94
N VAL A 20 -6.12 -12.71 6.93
CA VAL A 20 -6.12 -14.11 6.53
C VAL A 20 -4.71 -14.54 6.06
N VAL A 21 -4.08 -13.70 5.25
CA VAL A 21 -2.75 -13.98 4.78
C VAL A 21 -1.74 -13.99 5.96
N PHE A 22 -1.91 -13.05 6.88
CA PHE A 22 -1.04 -13.00 8.03
C PHE A 22 -1.13 -14.30 8.84
N ILE A 23 -2.35 -14.78 9.05
CA ILE A 23 -2.56 -16.01 9.82
C ILE A 23 -1.95 -17.21 9.11
N ALA A 24 -2.15 -17.30 7.80
CA ALA A 24 -1.50 -18.34 6.99
C ALA A 24 0.01 -18.33 7.17
N MET A 25 0.59 -17.12 7.22
CA MET A 25 2.04 -16.99 7.37
C MET A 25 2.55 -17.46 8.73
N GLN A 26 1.76 -17.22 9.80
CA GLN A 26 2.13 -17.73 11.12
C GLN A 26 2.00 -19.26 11.15
N ILE A 27 0.95 -19.79 10.52
CA ILE A 27 0.77 -21.26 10.52
C ILE A 27 1.82 -21.95 9.64
N LEU A 28 2.04 -21.42 8.45
CA LEU A 28 2.85 -22.15 7.43
C LEU A 28 4.28 -21.63 7.37
N GLY A 29 4.50 -20.44 7.92
CA GLY A 29 5.77 -19.78 7.84
C GLY A 29 5.79 -18.83 6.67
N ASP A 30 6.58 -17.78 6.77
CA ASP A 30 6.56 -16.69 5.81
C ASP A 30 6.89 -17.22 4.39
N GLN A 31 7.81 -18.16 4.33
CA GLN A 31 8.45 -18.52 3.07
C GLN A 31 7.46 -19.33 2.20
N GLU A 32 6.69 -20.19 2.84
CA GLU A 32 5.76 -21.03 2.11
C GLU A 32 4.69 -20.14 1.46
N VAL A 33 4.33 -19.06 2.15
CA VAL A 33 3.30 -18.17 1.63
C VAL A 33 3.85 -17.25 0.55
N MET A 34 5.07 -16.74 0.76
CA MET A 34 5.78 -15.97 -0.29
C MET A 34 5.86 -16.74 -1.64
N LEU A 35 6.16 -18.04 -1.59
CA LEU A 35 6.30 -18.79 -2.83
C LEU A 35 5.01 -18.73 -3.64
N TRP A 36 3.87 -18.60 -2.95
CA TRP A 36 2.58 -18.52 -3.62
C TRP A 36 2.21 -17.10 -4.04
N LEU A 37 2.55 -16.11 -3.22
CA LEU A 37 1.94 -14.80 -3.34
C LEU A 37 2.90 -13.73 -3.84
N ALA A 38 4.18 -14.06 -3.87
CA ALA A 38 5.22 -13.10 -4.26
C ALA A 38 5.14 -12.71 -5.75
N TRP A 39 5.57 -11.48 -6.05
CA TRP A 39 5.90 -11.06 -7.40
C TRP A 39 6.62 -12.18 -8.17
N PRO A 40 6.28 -12.35 -9.45
CA PRO A 40 6.84 -13.50 -10.16
C PRO A 40 8.37 -13.51 -10.07
N PHE A 41 8.94 -14.59 -9.53
CA PHE A 41 10.37 -14.65 -9.31
C PHE A 41 11.04 -15.59 -10.33
N ASP A 42 10.31 -15.92 -11.38
CA ASP A 42 10.81 -16.75 -12.45
C ASP A 42 9.91 -16.53 -13.66
N PRO A 43 10.47 -16.59 -14.88
CA PRO A 43 9.65 -16.43 -16.08
C PRO A 43 8.43 -17.38 -16.15
N THR A 44 8.56 -18.58 -15.59
CA THR A 44 7.45 -19.54 -15.64
C THR A 44 6.23 -19.04 -14.84
N LEU A 45 6.42 -18.00 -14.05
CA LEU A 45 5.32 -17.53 -13.18
C LEU A 45 4.72 -16.23 -13.69
N LYS A 46 5.17 -15.77 -14.86
CA LYS A 46 4.89 -14.42 -15.28
C LYS A 46 3.40 -14.22 -15.67
N PHE A 47 2.69 -15.31 -15.90
CA PHE A 47 1.25 -15.22 -16.21
C PHE A 47 0.36 -15.61 -15.01
N GLU A 48 0.96 -15.76 -13.82
CA GLU A 48 0.14 -15.89 -12.62
C GLU A 48 -0.19 -14.50 -12.09
N PHE A 49 -1.20 -13.90 -12.72
CA PHE A 49 -1.37 -12.45 -12.73
C PHE A 49 -1.65 -11.89 -11.33
N TRP A 50 -2.15 -12.74 -10.43
CA TRP A 50 -2.43 -12.31 -9.07
C TRP A 50 -1.15 -11.82 -8.38
N ARG A 51 0.01 -12.37 -8.77
CA ARG A 51 1.29 -12.10 -8.09
C ARG A 51 1.72 -10.64 -8.25
N TYR A 52 1.24 -9.99 -9.31
CA TYR A 52 1.55 -8.56 -9.51
C TYR A 52 0.89 -7.66 -8.43
N PHE A 53 0.03 -8.26 -7.62
CA PHE A 53 -0.76 -7.52 -6.62
C PHE A 53 -0.63 -8.14 -5.22
N THR A 54 -0.55 -9.47 -5.14
CA THR A 54 -0.72 -10.16 -3.86
C THR A 54 0.51 -9.98 -2.93
N HIS A 55 1.61 -9.48 -3.47
CA HIS A 55 2.73 -9.09 -2.63
C HIS A 55 2.30 -8.07 -1.54
N ALA A 56 1.30 -7.26 -1.86
CA ALA A 56 0.84 -6.22 -0.95
C ALA A 56 0.08 -6.80 0.27
N LEU A 57 -0.26 -8.09 0.21
CA LEU A 57 -1.10 -8.71 1.24
C LEU A 57 -0.28 -9.39 2.34
N MET A 58 1.02 -9.49 2.15
CA MET A 58 1.90 -10.19 3.10
C MET A 58 2.54 -9.21 4.04
N HIS A 59 2.61 -9.57 5.32
CA HIS A 59 3.39 -8.84 6.26
C HIS A 59 4.22 -9.75 7.14
N PHE A 60 5.37 -9.24 7.56
CA PHE A 60 6.41 -10.06 8.19
C PHE A 60 6.59 -9.73 9.66
N SER A 61 5.90 -8.69 10.12
CA SER A 61 5.98 -8.32 11.52
C SER A 61 4.68 -7.72 11.98
N LEU A 62 4.45 -7.83 13.28
CA LEU A 62 3.25 -7.33 13.90
C LEU A 62 3.13 -5.81 13.76
N MET A 63 4.24 -5.11 13.88
CA MET A 63 4.22 -3.65 13.84
C MET A 63 3.82 -3.11 12.48
N HIS A 64 4.36 -3.66 11.42
CA HIS A 64 4.05 -3.11 10.10
C HIS A 64 2.67 -3.51 9.55
N ILE A 65 2.18 -4.70 9.89
CA ILE A 65 0.77 -5.01 9.53
C ILE A 65 -0.17 -4.06 10.25
N LEU A 66 0.09 -3.78 11.54
CA LEU A 66 -0.78 -2.87 12.29
C LEU A 66 -0.73 -1.45 11.75
N PHE A 67 0.48 -0.92 11.57
CA PHE A 67 0.59 0.41 11.06
C PHE A 67 0.07 0.56 9.64
N ASN A 68 0.33 -0.44 8.79
CA ASN A 68 -0.16 -0.38 7.42
C ASN A 68 -1.68 -0.42 7.39
N LEU A 69 -2.26 -1.27 8.22
CA LEU A 69 -3.70 -1.41 8.19
C LEU A 69 -4.40 -0.19 8.83
N LEU A 70 -3.76 0.42 9.82
CA LEU A 70 -4.30 1.68 10.40
C LEU A 70 -4.44 2.77 9.30
N TRP A 71 -3.36 2.99 8.56
CA TRP A 71 -3.33 4.00 7.47
C TRP A 71 -4.29 3.61 6.32
N TRP A 72 -4.30 2.34 5.97
CA TRP A 72 -5.27 1.85 5.00
C TRP A 72 -6.71 2.13 5.47
N TRP A 73 -7.00 1.75 6.71
CA TRP A 73 -8.34 1.94 7.24
C TRP A 73 -8.76 3.42 7.22
N TYR A 74 -7.84 4.30 7.61
CA TYR A 74 -8.13 5.71 7.64
C TYR A 74 -8.24 6.33 6.24
N LEU A 75 -7.17 6.23 5.46
CA LEU A 75 -7.13 6.88 4.14
C LEU A 75 -7.98 6.14 3.11
N GLY A 76 -7.82 4.82 3.04
CA GLY A 76 -8.66 3.98 2.21
C GLY A 76 -10.10 4.24 2.52
N GLY A 77 -10.41 4.26 3.80
CA GLY A 77 -11.76 4.47 4.27
C GLY A 77 -12.28 5.81 3.80
N ALA A 78 -11.43 6.85 3.89
CA ALA A 78 -11.85 8.20 3.50
C ALA A 78 -12.11 8.28 2.00
N VAL A 79 -11.25 7.66 1.22
CA VAL A 79 -11.41 7.66 -0.24
C VAL A 79 -12.69 6.91 -0.66
N GLU A 80 -12.92 5.75 -0.07
CA GLU A 80 -14.08 4.97 -0.41
C GLU A 80 -15.34 5.73 -0.07
N LYS A 81 -15.36 6.35 1.11
CA LYS A 81 -16.54 7.03 1.57
C LYS A 81 -16.87 8.22 0.66
N ARG A 82 -15.85 9.02 0.33
CA ARG A 82 -16.10 10.28 -0.36
C ARG A 82 -16.08 10.15 -1.87
N LEU A 83 -15.26 9.25 -2.40
CA LEU A 83 -15.07 9.15 -3.86
C LEU A 83 -15.56 7.83 -4.43
N GLY A 84 -15.90 6.88 -3.55
CA GLY A 84 -16.53 5.63 -3.97
C GLY A 84 -15.57 4.42 -4.04
N SER A 85 -16.15 3.23 -4.02
CA SER A 85 -15.36 2.00 -3.93
C SER A 85 -14.44 1.87 -5.15
N GLY A 86 -14.94 2.28 -6.31
CA GLY A 86 -14.19 2.18 -7.58
C GLY A 86 -12.86 2.91 -7.55
N LYS A 87 -12.90 4.16 -7.09
CA LYS A 87 -11.70 4.96 -7.00
C LYS A 87 -10.64 4.26 -6.09
N LEU A 88 -11.09 3.70 -4.97
CA LEU A 88 -10.15 3.02 -4.08
C LEU A 88 -9.55 1.76 -4.75
N ILE A 89 -10.38 1.00 -5.44
CA ILE A 89 -9.92 -0.18 -6.17
C ILE A 89 -8.84 0.19 -7.18
N VAL A 90 -9.04 1.28 -7.90
CA VAL A 90 -8.10 1.66 -8.94
C VAL A 90 -6.77 2.20 -8.36
N ILE A 91 -6.84 3.04 -7.32
CA ILE A 91 -5.63 3.48 -6.65
C ILE A 91 -4.87 2.27 -6.11
N THR A 92 -5.60 1.31 -5.56
CA THR A 92 -4.99 0.15 -4.94
C THR A 92 -4.30 -0.76 -5.97
N LEU A 93 -4.97 -1.04 -7.08
CA LEU A 93 -4.42 -1.95 -8.09
C LEU A 93 -3.25 -1.30 -8.77
N ILE A 94 -3.38 -0.03 -9.12
CA ILE A 94 -2.34 0.62 -9.87
C ILE A 94 -1.11 0.81 -9.00
N SER A 95 -1.30 1.22 -7.76
CA SER A 95 -0.16 1.46 -6.88
C SER A 95 0.54 0.13 -6.50
N ALA A 96 -0.24 -0.95 -6.28
CA ALA A 96 0.37 -2.25 -5.94
C ALA A 96 1.21 -2.76 -7.09
N LEU A 97 0.70 -2.59 -8.32
CA LEU A 97 1.40 -3.02 -9.52
C LEU A 97 2.70 -2.27 -9.72
N LEU A 98 2.63 -0.93 -9.69
CA LEU A 98 3.76 -0.10 -10.08
C LEU A 98 4.82 -0.02 -8.97
N SER A 99 4.36 -0.05 -7.73
CA SER A 99 5.27 -0.10 -6.61
C SER A 99 6.05 -1.41 -6.58
N GLY A 100 5.35 -2.52 -6.87
CA GLY A 100 6.00 -3.81 -6.98
C GLY A 100 6.96 -3.90 -8.16
N TYR A 101 6.58 -3.30 -9.28
CA TYR A 101 7.50 -3.20 -10.44
C TYR A 101 8.81 -2.54 -10.04
N VAL A 102 8.70 -1.36 -9.43
CA VAL A 102 9.89 -0.57 -9.11
C VAL A 102 10.75 -1.26 -8.08
N GLN A 103 10.12 -1.85 -7.09
CA GLN A 103 10.85 -2.58 -6.06
C GLN A 103 11.63 -3.75 -6.65
N GLN A 104 10.96 -4.63 -7.41
CA GLN A 104 11.67 -5.81 -7.94
C GLN A 104 12.75 -5.38 -8.89
N LYS A 105 12.54 -4.26 -9.56
CA LYS A 105 13.48 -3.76 -10.55
C LYS A 105 14.79 -3.42 -9.89
N PHE A 106 14.73 -2.85 -8.69
CA PHE A 106 15.95 -2.39 -8.03
C PHE A 106 16.46 -3.40 -7.02
N SER A 107 15.57 -4.22 -6.47
CA SER A 107 15.95 -5.10 -5.36
C SER A 107 15.51 -6.57 -5.53
N GLY A 108 14.90 -6.90 -6.67
CA GLY A 108 14.36 -8.26 -6.89
C GLY A 108 13.09 -8.54 -6.09
N PRO A 109 12.58 -9.80 -6.18
CA PRO A 109 11.15 -10.06 -5.98
C PRO A 109 10.78 -10.41 -4.52
N TRP A 110 11.76 -10.50 -3.62
CA TRP A 110 11.48 -10.96 -2.25
C TRP A 110 11.09 -9.81 -1.33
N PHE A 111 9.84 -9.36 -1.49
CA PHE A 111 9.32 -8.26 -0.69
C PHE A 111 7.82 -8.44 -0.50
N GLY A 112 7.24 -7.69 0.43
CA GLY A 112 5.80 -7.63 0.55
C GLY A 112 5.37 -6.49 1.42
N GLY A 113 4.07 -6.27 1.48
CA GLY A 113 3.49 -5.36 2.45
C GLY A 113 2.62 -4.37 1.77
N LEU A 114 1.70 -3.78 2.54
CA LEU A 114 0.65 -2.88 2.01
C LEU A 114 1.11 -1.40 1.99
N SER A 115 2.38 -1.18 2.30
CA SER A 115 2.85 0.18 2.53
C SER A 115 3.02 0.99 1.23
N GLY A 116 3.28 0.32 0.12
CA GLY A 116 3.29 0.99 -1.18
C GLY A 116 1.93 1.58 -1.49
N VAL A 117 0.89 0.80 -1.25
CA VAL A 117 -0.46 1.29 -1.38
C VAL A 117 -0.78 2.43 -0.40
N VAL A 118 -0.29 2.30 0.83
CA VAL A 118 -0.53 3.31 1.86
C VAL A 118 0.10 4.65 1.47
N TYR A 119 1.32 4.59 0.96
CA TYR A 119 2.00 5.79 0.49
C TYR A 119 1.31 6.44 -0.71
N ALA A 120 0.79 5.62 -1.61
CA ALA A 120 -0.08 6.12 -2.66
C ALA A 120 -1.30 6.85 -2.10
N LEU A 121 -1.93 6.28 -1.08
CA LEU A 121 -3.08 6.93 -0.45
C LEU A 121 -2.72 8.25 0.24
N MET A 122 -1.57 8.27 0.92
CA MET A 122 -1.06 9.50 1.53
CA MET A 122 -1.07 9.49 1.52
C MET A 122 -0.89 10.59 0.48
N GLY A 123 -0.17 10.27 -0.59
CA GLY A 123 0.04 11.21 -1.67
C GLY A 123 -1.25 11.63 -2.32
N TYR A 124 -2.16 10.66 -2.54
CA TYR A 124 -3.38 10.94 -3.27
C TYR A 124 -4.27 11.85 -2.44
N VAL A 125 -4.48 11.49 -1.18
CA VAL A 125 -5.37 12.26 -0.32
C VAL A 125 -4.79 13.65 -0.10
N TRP A 126 -3.48 13.76 0.05
CA TRP A 126 -2.89 15.08 0.28
C TRP A 126 -3.13 15.98 -0.91
N LEU A 127 -2.72 15.51 -2.10
CA LEU A 127 -2.70 16.37 -3.29
C LEU A 127 -4.11 16.64 -3.83
N ARG A 128 -4.96 15.62 -3.82
CA ARG A 128 -6.36 15.83 -4.21
C ARG A 128 -7.03 16.88 -3.28
N GLY A 129 -6.77 16.77 -1.98
CA GLY A 129 -7.28 17.76 -1.02
C GLY A 129 -6.74 19.16 -1.27
N GLU A 130 -5.47 19.24 -1.60
CA GLU A 130 -4.85 20.52 -1.93
C GLU A 130 -5.47 21.13 -3.16
N ARG A 131 -5.52 20.36 -4.23
CA ARG A 131 -5.79 20.92 -5.55
C ARG A 131 -7.28 20.97 -5.82
N ASP A 132 -8.04 20.23 -5.05
CA ASP A 132 -9.44 20.03 -5.35
C ASP A 132 -10.23 19.86 -4.07
N PRO A 133 -10.27 20.90 -3.23
CA PRO A 133 -10.80 20.77 -1.88
C PRO A 133 -12.29 20.42 -1.85
N GLN A 134 -13.00 20.76 -2.91
CA GLN A 134 -14.41 20.43 -3.03
C GLN A 134 -14.64 18.91 -3.12
N SER A 135 -13.61 18.16 -3.49
CA SER A 135 -13.65 16.70 -3.41
C SER A 135 -14.10 16.22 -2.02
N GLY A 136 -13.92 17.03 -0.99
CA GLY A 136 -14.24 16.60 0.39
C GLY A 136 -13.18 15.68 1.02
N ILE A 137 -12.05 15.52 0.39
CA ILE A 137 -10.94 14.85 1.06
C ILE A 137 -9.77 15.78 1.34
N TYR A 138 -9.00 15.44 2.36
CA TYR A 138 -8.02 16.36 2.93
C TYR A 138 -7.06 15.51 3.79
N LEU A 139 -5.75 15.71 3.68
CA LEU A 139 -4.80 15.11 4.61
C LEU A 139 -4.47 16.10 5.73
N GLN A 140 -4.98 15.80 6.91
CA GLN A 140 -4.67 16.56 8.16
C GLN A 140 -3.16 16.86 8.28
N ARG A 141 -2.84 18.02 8.86
CA ARG A 141 -1.45 18.36 9.15
C ARG A 141 -0.73 17.31 10.01
N GLY A 142 -1.38 16.85 11.06
CA GLY A 142 -0.79 15.84 11.91
C GLY A 142 -0.42 14.55 11.16
N LEU A 143 -1.24 14.17 10.21
CA LEU A 143 -0.98 12.98 9.42
C LEU A 143 0.14 13.21 8.39
N ILE A 144 0.21 14.43 7.84
CA ILE A 144 1.38 14.80 7.02
C ILE A 144 2.68 14.58 7.82
N ILE A 145 2.71 15.09 9.05
CA ILE A 145 3.89 14.98 9.89
C ILE A 145 4.19 13.50 10.18
N PHE A 146 3.16 12.76 10.56
CA PHE A 146 3.28 11.30 10.84
C PHE A 146 3.90 10.58 9.63
N ALA A 147 3.34 10.83 8.47
CA ALA A 147 3.78 10.17 7.23
C ALA A 147 5.22 10.54 6.89
N LEU A 148 5.58 11.81 7.06
CA LEU A 148 6.94 12.24 6.72
C LEU A 148 7.95 11.53 7.61
N ILE A 149 7.62 11.38 8.89
CA ILE A 149 8.54 10.73 9.82
C ILE A 149 8.66 9.24 9.47
N TRP A 150 7.54 8.62 9.12
CA TRP A 150 7.51 7.19 8.80
C TRP A 150 8.37 6.90 7.56
N ILE A 151 8.26 7.76 6.57
CA ILE A 151 9.07 7.73 5.36
C ILE A 151 10.56 7.89 5.68
N VAL A 152 10.86 8.89 6.48
CA VAL A 152 12.19 9.13 6.92
C VAL A 152 12.73 7.88 7.64
N ALA A 153 11.92 7.31 8.53
CA ALA A 153 12.37 6.15 9.29
C ALA A 153 12.70 5.00 8.35
N GLY A 154 11.86 4.82 7.33
CA GLY A 154 12.07 3.81 6.29
C GLY A 154 13.38 4.03 5.57
N TRP A 155 13.58 5.25 5.09
CA TRP A 155 14.77 5.58 4.31
C TRP A 155 16.06 5.35 5.11
N PHE A 156 16.03 5.68 6.41
CA PHE A 156 17.22 5.57 7.22
C PHE A 156 17.27 4.30 8.08
N ASP A 157 16.43 3.33 7.76
CA ASP A 157 16.53 2.00 8.36
C ASP A 157 16.38 2.03 9.89
N LEU A 158 15.39 2.79 10.37
CA LEU A 158 15.23 3.02 11.81
C LEU A 158 14.32 1.96 12.45
N PHE A 159 13.64 1.17 11.62
CA PHE A 159 12.89 0.02 12.11
C PHE A 159 13.83 -1.16 12.26
N GLY A 160 13.38 -2.20 12.94
CA GLY A 160 14.14 -3.47 12.99
C GLY A 160 14.67 -4.03 11.66
N MET A 161 14.08 -3.64 10.54
CA MET A 161 13.91 -4.58 9.42
C MET A 161 14.26 -3.96 8.10
N SER A 162 14.50 -4.81 7.13
CA SER A 162 14.92 -4.38 5.83
C SER A 162 13.69 -3.83 5.06
N MET A 163 13.86 -2.65 4.47
CA MET A 163 12.72 -1.82 4.03
C MET A 163 12.66 -1.82 2.49
N ALA A 164 11.46 -1.95 1.95
CA ALA A 164 11.26 -1.82 0.51
C ALA A 164 11.05 -0.35 0.11
N ASN A 165 12.12 0.45 0.20
CA ASN A 165 12.02 1.88 -0.05
C ASN A 165 11.62 2.24 -1.50
N GLY A 166 12.06 1.43 -2.45
CA GLY A 166 11.52 1.47 -3.81
C GLY A 166 10.00 1.44 -3.89
N ALA A 167 9.39 0.44 -3.27
CA ALA A 167 7.94 0.29 -3.32
C ALA A 167 7.27 1.51 -2.69
N HIS A 168 7.81 2.01 -1.59
CA HIS A 168 7.17 3.05 -0.83
C HIS A 168 7.17 4.33 -1.63
N ILE A 169 8.36 4.74 -2.07
CA ILE A 169 8.48 6.00 -2.77
C ILE A 169 7.75 5.95 -4.12
N ALA A 170 7.84 4.80 -4.81
CA ALA A 170 7.06 4.60 -6.04
C ALA A 170 5.58 4.70 -5.76
N GLY A 171 5.14 4.09 -4.67
CA GLY A 171 3.76 4.19 -4.24
C GLY A 171 3.35 5.64 -4.11
N LEU A 172 4.18 6.42 -3.45
CA LEU A 172 3.91 7.83 -3.20
C LEU A 172 3.77 8.60 -4.53
N ALA A 173 4.66 8.32 -5.47
CA ALA A 173 4.62 8.95 -6.81
C ALA A 173 3.33 8.61 -7.56
N VAL A 174 2.87 7.37 -7.44
CA VAL A 174 1.63 6.94 -8.10
C VAL A 174 0.43 7.70 -7.55
N GLY A 175 0.34 7.81 -6.23
CA GLY A 175 -0.75 8.52 -5.60
C GLY A 175 -0.79 10.00 -5.99
N LEU A 176 0.37 10.65 -5.99
CA LEU A 176 0.46 12.06 -6.37
C LEU A 176 0.02 12.27 -7.82
N ALA A 177 0.50 11.39 -8.71
CA ALA A 177 0.16 11.43 -10.13
C ALA A 177 -1.33 11.30 -10.34
N MET A 178 -1.94 10.31 -9.68
CA MET A 178 -3.36 10.05 -9.87
C MET A 178 -4.18 11.21 -9.35
N ALA A 179 -3.76 11.81 -8.23
CA ALA A 179 -4.49 12.95 -7.67
C ALA A 179 -4.40 14.17 -8.60
N PHE A 180 -3.24 14.34 -9.22
CA PHE A 180 -3.02 15.44 -10.15
C PHE A 180 -3.93 15.27 -11.36
N VAL A 181 -3.92 14.09 -11.94
CA VAL A 181 -4.80 13.80 -13.06
C VAL A 181 -6.27 13.99 -12.66
N ASP A 182 -6.63 13.55 -11.45
CA ASP A 182 -8.04 13.60 -11.02
C ASP A 182 -8.53 15.01 -10.73
N SER A 183 -7.61 15.95 -10.55
CA SER A 183 -7.99 17.31 -10.18
C SER A 183 -7.70 18.32 -11.29
N LEU A 184 -7.39 17.83 -12.49
CA LEU A 184 -7.05 18.71 -13.60
C LEU A 184 -8.20 19.65 -13.93
N ASN A 185 -9.37 19.08 -14.14
CA ASN A 185 -10.51 19.33 -13.28
C ASN A 185 -11.46 18.13 -13.29
C ACE B 1 15.00 -10.41 2.77
O ACE B 1 15.13 -9.65 1.83
CH3 ACE B 1 16.18 -11.05 3.45
N ILE B 2 13.82 -10.73 3.28
CA ILE B 2 12.58 -10.19 2.75
C ILE B 2 12.38 -8.76 3.19
N ALA B 3 12.18 -7.87 2.24
CA ALA B 3 11.93 -6.47 2.53
C ALA B 3 10.46 -6.17 2.71
N THR B 4 10.12 -5.25 3.65
CA THR B 4 8.71 -4.89 3.86
C THR B 4 8.37 -3.53 3.30
N ALA B 5 7.18 -3.40 2.77
CA ALA B 5 6.82 -2.13 2.22
C ALA B 5 6.03 -1.29 3.25
C1 0QE B 6 6.86 -0.27 3.82
C1 BNG C . -18.80 -8.82 10.49
C2 BNG C . -18.80 -7.31 10.58
C3 BNG C . -19.67 -6.70 9.49
C4 BNG C . -19.33 -7.30 8.12
C5 BNG C . -19.29 -8.82 8.19
C6 BNG C . -18.87 -9.41 6.85
C1' BNG C . -17.75 -10.76 11.35
C2' BNG C . -17.27 -11.34 12.68
C3' BNG C . -15.75 -11.32 12.76
C4' BNG C . -15.27 -11.91 14.08
C5' BNG C . -15.61 -11.00 15.25
C6' BNG C . -14.53 -11.05 16.33
C7' BNG C . -15.00 -10.39 17.61
C8' BNG C . -13.85 -9.64 18.30
C9' BNG C . -12.65 -10.54 18.44
O1 BNG C . -17.91 -9.35 11.48
O2 BNG C . -19.30 -6.90 11.86
O3 BNG C . -19.47 -5.28 9.44
O5 BNG C . -18.37 -9.23 9.20
O6 BNG C . -19.45 -8.65 5.79
C1 BNG D . -13.64 6.29 15.26
C1' BNG D . -12.22 4.81 16.44
C2' BNG D . -11.76 3.35 16.31
C3' BNG D . -10.81 3.17 15.12
C4' BNG D . -9.80 2.06 15.37
C5' BNG D . -9.23 1.54 14.04
C6' BNG D . -7.94 0.74 14.25
C7' BNG D . -7.46 0.09 12.95
C8' BNG D . -6.09 -0.56 13.15
C9' BNG D . -5.91 -1.77 12.24
O1 BNG D . -13.49 4.99 15.80
C1' BNG E . 8.22 -8.47 19.78
C2' BNG E . 7.91 -7.18 19.03
C3' BNG E . 6.75 -6.41 19.68
C4' BNG E . 5.76 -5.94 18.63
C5' BNG E . 5.25 -4.53 18.93
C6' BNG E . 3.79 -4.38 18.57
C7' BNG E . 3.53 -3.09 17.80
C8' BNG E . 2.09 -2.63 17.96
C9' BNG E . 1.74 -1.54 16.98
C4' BNG F . -6.54 -11.13 -6.58
C5' BNG F . -6.05 -9.67 -6.56
C6' BNG F . -5.56 -9.28 -5.17
C7' BNG F . -5.44 -7.75 -5.02
C8' BNG F . -4.65 -7.38 -3.77
C9' BNG F . -4.25 -5.91 -3.76
C1' BNG G . -4.91 -25.54 10.25
C2' BNG G . -6.35 -25.06 10.36
C3' BNG G . -6.47 -23.58 10.01
C4' BNG G . -7.43 -22.87 10.96
C5' BNG G . -7.45 -21.36 10.72
C6' BNG G . -8.29 -20.65 11.79
C7' BNG G . -8.37 -19.15 11.55
C3' BNG H . -3.90 -22.94 6.35
C4' BNG H . -4.12 -21.42 6.44
C5' BNG H . -5.58 -21.11 6.74
C6' BNG H . -5.70 -19.80 7.53
C7' BNG H . -6.93 -19.02 7.09
C8' BNG H . -7.33 -17.99 8.13
C9' BNG H . -8.77 -18.15 8.54
C1 BNG I . -19.09 5.62 -1.12
C1' BNG I . -18.17 3.42 -1.37
C2' BNG I . -18.97 2.64 -2.42
C3' BNG I . -19.98 3.54 -3.12
C4' BNG I . -20.23 3.07 -4.55
C5' BNG I . -19.39 3.84 -5.50
C6' BNG I . -18.23 2.99 -6.01
C7' BNG I . -17.45 3.65 -7.14
C8' BNG I . -18.20 3.40 -8.47
C9' BNG I . -17.29 3.11 -9.66
O1 BNG I . -19.01 4.30 -0.58
C1 BNG J . -3.11 6.93 10.02
C1' BNG J . -4.90 7.59 11.42
C2' BNG J . -5.32 7.68 12.88
C3' BNG J . -6.85 7.77 13.03
C4' BNG J . -7.27 7.59 14.49
C5' BNG J . -7.61 6.14 14.83
C6' BNG J . -7.10 5.71 16.21
C7' BNG J . -6.50 4.30 16.15
C8' BNG J . -5.86 3.90 17.46
C9' BNG J . -4.81 2.83 17.25
O1 BNG J . -3.47 7.48 11.31
C1' BNG K . -0.98 -19.98 0.81
C2' BNG K . -1.63 -18.63 0.51
C3' BNG K . -2.31 -18.07 1.75
C4' BNG K . -3.64 -17.42 1.40
C5' BNG K . -4.65 -17.58 2.53
C6' BNG K . -5.35 -18.94 2.45
C1' BNG L . 5.10 11.75 -9.72
C2' BNG L . 4.78 13.18 -9.34
C3' BNG L . 3.58 13.71 -10.12
C4' BNG L . 3.10 15.04 -9.56
C5' BNG L . 2.36 15.84 -10.62
C5' BNG M . 0.96 6.91 -12.61
C6' BNG M . -0.39 6.33 -12.96
C7' BNG M . -1.39 7.43 -13.31
C8' BNG M . -2.60 6.86 -14.04
C9' BNG M . -3.77 7.83 -13.96
C1' BNG N . 9.61 10.97 -4.98
C2' BNG N . 8.10 11.21 -4.89
C3' BNG N . 7.80 12.70 -4.85
C4' BNG N . 7.80 13.32 -6.26
C5' BNG N . 7.90 14.85 -6.19
C6' BNG N . 6.94 15.51 -7.17
C7' BNG N . 7.55 16.76 -7.81
C8' BNG N . 7.79 17.85 -6.75
C4' BNG O . -16.08 -12.19 1.80
C5' BNG O . -14.71 -11.75 2.32
C6' BNG O . -13.64 -12.79 2.00
C7' BNG O . -12.27 -12.15 1.86
C8' BNG O . -11.25 -13.17 1.35
C9' BNG O . -9.85 -12.81 1.79
O2 BNG O . -23.84 -7.86 -0.39
C2' BNG P . -16.86 -12.33 7.38
C3' BNG P . -15.43 -12.68 7.76
C4' BNG P . -15.02 -11.95 9.03
C5' BNG P . -13.50 -11.76 9.12
C6' BNG P . -12.76 -13.09 9.18
C7' BNG P . -11.29 -12.89 9.51
C8' BNG P . -10.42 -14.07 9.08
C9' BNG P . -10.09 -14.96 10.26
O2 BNG P . -22.42 -10.42 8.92
CL CL Q . 6.05 -6.33 7.62
#